data_7P8L
#
_entry.id   7P8L
#
_cell.length_a   62.256
_cell.length_b   68.811
_cell.length_c   140.386
_cell.angle_alpha   90.000
_cell.angle_beta   90.000
_cell.angle_gamma   90.000
#
_symmetry.space_group_name_H-M   'C 2 2 21'
#
loop_
_entity.id
_entity.type
_entity.pdbx_description
1 polymer 'N-glycosylase/DNA lyase'
2 polymer "DNA (5'-D(*TP*TP*TP*(8OG)P*TP*TP*TP*CP*T)-3')"
3 polymer "DNA (5'-D(*AP*GP*AP*AP*AP*CP*AP*AP*A)-3')"
4 non-polymer (4S)-2-METHYL-2,4-PENTANEDIOL
5 water water
#
loop_
_entity_poly.entity_id
_entity_poly.type
_entity_poly.pdbx_seq_one_letter_code
_entity_poly.pdbx_strand_id
1 'polypeptide(L)'
;GSHMIARIIGEIGIEGARFIEENIDEQFKALRYLSKGIDSETFVKLVIANSLVSYQLTGKGEQWWWEFAKYFYGRDVKSI
YLAYKEFLPNSRFNRRLIPQKLSRIRRVETFLSTLTEERIEEYYGDMSSLWGSIARALGVDKESQTVVFSVKMFGYAARI
VLSTFNPYPMEIPIPEDSRIVKLTKKLTNEKPRKFWMKIARESGVPPLHIDSILWPLLGGASIDSAPPELRDKLAELIKI
IR
;
A
2 'polydeoxyribonucleotide' (DT)(DT)(DT)(8OG)(DT)(DT)(DT)(DC)(DT) B
3 'polydeoxyribonucleotide' (DA)(DG)(DA)(DA)(DA)(DC)(DA)(DA)(DA) I
#
# COMPACT_ATOMS: atom_id res chain seq x y z
N GLY A 1 13.24 -7.19 21.46
CA GLY A 1 13.22 -5.75 21.33
C GLY A 1 13.52 -5.24 19.94
N SER A 2 13.72 -3.93 19.83
CA SER A 2 13.92 -3.29 18.53
C SER A 2 15.12 -3.86 17.79
N HIS A 3 16.21 -4.15 18.50
CA HIS A 3 17.40 -4.65 17.82
C HIS A 3 17.17 -6.05 17.24
N MET A 4 16.49 -6.92 17.99
CA MET A 4 16.17 -8.25 17.47
C MET A 4 15.27 -8.16 16.26
N ILE A 5 14.23 -7.33 16.33
CA ILE A 5 13.33 -7.16 15.20
C ILE A 5 14.10 -6.66 13.97
N ALA A 6 14.97 -5.67 14.17
CA ALA A 6 15.74 -5.14 13.05
C ALA A 6 16.66 -6.20 12.46
N ARG A 7 17.25 -7.06 13.31
CA ARG A 7 18.10 -8.12 12.79
C ARG A 7 17.31 -9.07 11.90
N ILE A 8 16.14 -9.50 12.37
CA ILE A 8 15.32 -10.44 11.60
C ILE A 8 14.83 -9.80 10.31
N ILE A 9 14.33 -8.56 10.40
CA ILE A 9 13.88 -7.88 9.19
CA ILE A 9 13.89 -7.84 9.20
C ILE A 9 15.04 -7.68 8.22
N GLY A 10 16.24 -7.39 8.74
CA GLY A 10 17.39 -7.27 7.85
C GLY A 10 17.72 -8.57 7.14
N GLU A 11 17.56 -9.70 7.83
CA GLU A 11 17.78 -11.00 7.20
C GLU A 11 16.71 -11.31 6.15
N ILE A 12 15.46 -10.94 6.43
CA ILE A 12 14.40 -11.04 5.43
C ILE A 12 14.73 -10.19 4.21
N GLY A 13 15.09 -8.92 4.46
CA GLY A 13 15.57 -8.04 3.43
C GLY A 13 14.47 -7.51 2.52
N ILE A 14 14.86 -6.56 1.66
CA ILE A 14 13.95 -6.14 0.59
C ILE A 14 13.54 -7.33 -0.26
N GLU A 15 14.45 -8.29 -0.46
CA GLU A 15 14.13 -9.46 -1.26
C GLU A 15 12.96 -10.23 -0.65
N GLY A 16 12.99 -10.44 0.67
CA GLY A 16 11.89 -11.14 1.32
C GLY A 16 10.62 -10.34 1.35
N ALA A 17 10.72 -9.02 1.55
CA ALA A 17 9.53 -8.18 1.48
C ALA A 17 8.91 -8.26 0.09
N ARG A 18 9.76 -8.19 -0.95
CA ARG A 18 9.25 -8.28 -2.31
C ARG A 18 8.57 -9.62 -2.57
N PHE A 19 9.14 -10.69 -2.01
CA PHE A 19 8.50 -12.00 -2.12
C PHE A 19 7.10 -11.98 -1.52
N ILE A 20 6.97 -11.43 -0.30
CA ILE A 20 5.65 -11.38 0.34
C ILE A 20 4.69 -10.53 -0.47
N GLU A 21 5.14 -9.36 -0.92
CA GLU A 21 4.30 -8.50 -1.75
C GLU A 21 3.75 -9.25 -2.95
N GLU A 22 4.62 -9.91 -3.68
CA GLU A 22 4.29 -10.44 -5.00
C GLU A 22 3.70 -11.84 -4.96
N ASN A 23 3.84 -12.56 -3.84
CA ASN A 23 3.39 -13.94 -3.75
C ASN A 23 2.36 -14.20 -2.68
N ILE A 24 2.34 -13.42 -1.60
CA ILE A 24 1.50 -13.71 -0.45
C ILE A 24 0.40 -12.67 -0.27
N ASP A 25 0.69 -11.37 -0.40
CA ASP A 25 -0.31 -10.34 -0.11
C ASP A 25 -1.49 -10.42 -1.08
N GLU A 26 -2.69 -10.69 -0.55
CA GLU A 26 -3.88 -10.76 -1.37
C GLU A 26 -4.16 -9.46 -2.10
N GLN A 27 -3.72 -8.33 -1.54
CA GLN A 27 -3.95 -7.05 -2.21
C GLN A 27 -3.21 -6.98 -3.53
N PHE A 28 -2.00 -7.55 -3.60
CA PHE A 28 -1.27 -7.60 -4.86
C PHE A 28 -1.96 -8.54 -5.83
N LYS A 29 -2.48 -9.67 -5.35
CA LYS A 29 -3.21 -10.59 -6.22
C LYS A 29 -4.42 -9.92 -6.83
N ALA A 30 -5.15 -9.12 -6.04
CA ALA A 30 -6.30 -8.40 -6.54
C ALA A 30 -5.89 -7.42 -7.64
N LEU A 31 -4.80 -6.67 -7.40
CA LEU A 31 -4.30 -5.74 -8.40
C LEU A 31 -3.88 -6.46 -9.69
N ARG A 32 -3.20 -7.60 -9.56
CA ARG A 32 -2.82 -8.35 -10.75
C ARG A 32 -4.04 -8.72 -11.58
N TYR A 33 -5.10 -9.18 -10.91
CA TYR A 33 -6.34 -9.51 -11.62
C TYR A 33 -6.90 -8.29 -12.36
N LEU A 34 -7.02 -7.16 -11.66
CA LEU A 34 -7.60 -5.97 -12.29
C LEU A 34 -6.75 -5.49 -13.45
N SER A 35 -5.42 -5.61 -13.34
CA SER A 35 -4.54 -5.12 -14.39
C SER A 35 -4.77 -5.78 -15.73
N LYS A 36 -5.38 -6.97 -15.74
CA LYS A 36 -5.69 -7.67 -16.98
C LYS A 36 -7.03 -7.26 -17.58
N GLY A 37 -7.79 -6.41 -16.91
CA GLY A 37 -9.11 -6.08 -17.37
C GLY A 37 -9.38 -4.60 -17.54
N ILE A 38 -8.34 -3.77 -17.53
CA ILE A 38 -8.51 -2.33 -17.69
C ILE A 38 -7.18 -1.75 -18.14
N ASP A 39 -7.21 -0.62 -18.83
CA ASP A 39 -5.97 -0.07 -19.37
C ASP A 39 -5.05 0.37 -18.24
N SER A 40 -3.75 0.40 -18.53
CA SER A 40 -2.73 0.55 -17.49
CA SER A 40 -2.74 0.54 -17.48
C SER A 40 -2.83 1.89 -16.77
N GLU A 41 -3.10 2.96 -17.51
CA GLU A 41 -3.17 4.27 -16.86
C GLU A 41 -4.39 4.38 -15.96
N THR A 42 -5.55 3.94 -16.46
CA THR A 42 -6.74 3.94 -15.62
C THR A 42 -6.55 3.07 -14.39
N PHE A 43 -5.88 1.92 -14.57
CA PHE A 43 -5.57 1.03 -13.46
C PHE A 43 -4.81 1.76 -12.35
N VAL A 44 -3.72 2.45 -12.70
CA VAL A 44 -2.94 3.14 -11.69
C VAL A 44 -3.74 4.23 -11.02
N LYS A 45 -4.49 5.02 -11.81
CA LYS A 45 -5.33 6.08 -11.24
C LYS A 45 -6.35 5.49 -10.26
N LEU A 46 -7.00 4.39 -10.62
CA LEU A 46 -7.97 3.75 -9.74
C LEU A 46 -7.31 3.25 -8.46
N VAL A 47 -6.11 2.70 -8.56
CA VAL A 47 -5.43 2.20 -7.36
C VAL A 47 -5.15 3.35 -6.39
N ILE A 48 -4.67 4.49 -6.89
CA ILE A 48 -4.44 5.64 -6.02
C ILE A 48 -5.74 6.11 -5.39
N ALA A 49 -6.78 6.30 -6.22
CA ALA A 49 -8.07 6.75 -5.69
C ALA A 49 -8.58 5.76 -4.65
N ASN A 50 -8.49 4.46 -4.93
CA ASN A 50 -8.98 3.48 -3.99
C ASN A 50 -8.23 3.57 -2.68
N SER A 51 -6.91 3.76 -2.74
CA SER A 51 -6.10 3.85 -1.52
C SER A 51 -6.56 5.02 -0.66
N LEU A 52 -6.90 6.15 -1.29
CA LEU A 52 -7.25 7.33 -0.53
C LEU A 52 -8.62 7.23 0.15
N VAL A 53 -9.42 6.23 -0.21
CA VAL A 53 -10.69 5.98 0.45
C VAL A 53 -10.67 4.68 1.25
N SER A 54 -9.50 4.05 1.38
CA SER A 54 -9.32 2.79 2.10
C SER A 54 -9.03 3.06 3.57
N TYR A 55 -10.08 3.44 4.29
CA TYR A 55 -9.93 3.65 5.72
C TYR A 55 -11.30 3.49 6.33
N GLN A 56 -11.33 3.07 7.60
CA GLN A 56 -12.58 2.89 8.33
C GLN A 56 -13.55 2.04 7.49
N LEU A 57 -13.07 0.86 7.14
CA LEU A 57 -13.72 -0.07 6.22
C LEU A 57 -14.80 -0.87 6.93
N THR A 58 -15.64 -1.54 6.14
CA THR A 58 -16.63 -2.48 6.64
C THR A 58 -16.32 -3.91 6.20
N GLY A 59 -15.05 -4.19 5.97
CA GLY A 59 -14.50 -5.50 5.74
C GLY A 59 -13.00 -5.40 5.95
N LYS A 60 -12.33 -6.55 5.95
CA LYS A 60 -10.87 -6.54 6.03
C LYS A 60 -10.29 -5.98 4.75
N GLY A 61 -9.09 -5.41 4.84
CA GLY A 61 -8.45 -4.85 3.66
C GLY A 61 -8.36 -5.81 2.50
N GLU A 62 -8.05 -7.09 2.79
CA GLU A 62 -7.94 -8.07 1.70
C GLU A 62 -9.29 -8.27 1.01
N GLN A 63 -10.38 -8.27 1.78
CA GLN A 63 -11.71 -8.39 1.20
C GLN A 63 -12.04 -7.18 0.35
N TRP A 64 -11.72 -5.99 0.86
CA TRP A 64 -12.04 -4.74 0.17
C TRP A 64 -11.27 -4.61 -1.15
N TRP A 65 -9.97 -4.91 -1.14
CA TRP A 65 -9.23 -4.77 -2.39
C TRP A 65 -9.70 -5.76 -3.45
N TRP A 66 -10.12 -6.96 -3.05
CA TRP A 66 -10.72 -7.88 -4.01
C TRP A 66 -12.07 -7.39 -4.52
N GLU A 67 -12.88 -6.78 -3.66
CA GLU A 67 -14.15 -6.21 -4.11
C GLU A 67 -13.91 -5.13 -5.16
N PHE A 68 -12.95 -4.25 -4.90
CA PHE A 68 -12.53 -3.22 -5.85
C PHE A 68 -12.10 -3.83 -7.18
N ALA A 69 -11.22 -4.83 -7.13
CA ALA A 69 -10.67 -5.40 -8.36
C ALA A 69 -11.76 -6.10 -9.18
N LYS A 70 -12.63 -6.86 -8.52
CA LYS A 70 -13.68 -7.55 -9.24
C LYS A 70 -14.71 -6.57 -9.78
N TYR A 71 -14.93 -5.45 -9.09
CA TYR A 71 -15.90 -4.48 -9.58
C TYR A 71 -15.44 -3.85 -10.88
N PHE A 72 -14.17 -3.44 -10.95
CA PHE A 72 -13.70 -2.63 -12.07
C PHE A 72 -13.24 -3.43 -13.27
N TYR A 73 -13.01 -4.73 -13.13
CA TYR A 73 -12.52 -5.52 -14.27
C TYR A 73 -13.49 -5.40 -15.44
N GLY A 74 -12.98 -4.98 -16.60
CA GLY A 74 -13.80 -4.88 -17.79
C GLY A 74 -14.65 -3.64 -17.90
N ARG A 75 -14.66 -2.75 -16.91
CA ARG A 75 -15.51 -1.57 -16.96
C ARG A 75 -14.87 -0.48 -17.80
N ASP A 76 -15.73 0.36 -18.37
CA ASP A 76 -15.30 1.54 -19.10
C ASP A 76 -15.49 2.73 -18.17
N VAL A 77 -14.41 3.19 -17.55
CA VAL A 77 -14.47 4.23 -16.53
C VAL A 77 -14.29 5.58 -17.21
N LYS A 78 -15.32 6.42 -17.13
CA LYS A 78 -15.30 7.74 -17.74
C LYS A 78 -14.96 8.85 -16.76
N SER A 79 -15.28 8.66 -15.48
CA SER A 79 -14.96 9.62 -14.42
C SER A 79 -14.72 8.80 -13.16
N ILE A 80 -13.57 9.01 -12.52
CA ILE A 80 -13.27 8.26 -11.31
C ILE A 80 -14.22 8.66 -10.19
N TYR A 81 -14.54 9.95 -10.09
CA TYR A 81 -15.50 10.40 -9.08
C TYR A 81 -16.86 9.75 -9.30
N LEU A 82 -17.41 9.84 -10.52
CA LEU A 82 -18.71 9.25 -10.78
C LEU A 82 -18.68 7.74 -10.59
N ALA A 83 -17.57 7.10 -10.95
CA ALA A 83 -17.45 5.66 -10.75
C ALA A 83 -17.56 5.32 -9.27
N TYR A 84 -16.89 6.10 -8.40
CA TYR A 84 -16.94 5.82 -6.97
C TYR A 84 -18.27 6.22 -6.36
N LYS A 85 -18.94 7.24 -6.91
CA LYS A 85 -20.25 7.61 -6.40
C LYS A 85 -21.24 6.48 -6.56
N GLU A 86 -21.09 5.67 -7.62
CA GLU A 86 -21.93 4.49 -7.80
C GLU A 86 -21.41 3.29 -7.01
N PHE A 87 -20.08 3.12 -6.98
CA PHE A 87 -19.48 1.92 -6.40
C PHE A 87 -19.61 1.88 -4.87
N LEU A 88 -19.19 2.93 -4.18
CA LEU A 88 -19.13 2.87 -2.71
C LEU A 88 -20.47 2.59 -2.04
N PRO A 89 -21.55 3.32 -2.35
CA PRO A 89 -22.81 3.10 -1.60
C PRO A 89 -23.39 1.72 -1.79
N ASN A 90 -23.01 1.03 -2.86
CA ASN A 90 -23.51 -0.30 -3.13
C ASN A 90 -22.54 -1.39 -2.69
N SER A 91 -21.40 -1.02 -2.13
CA SER A 91 -20.36 -1.97 -1.78
C SER A 91 -20.70 -2.70 -0.49
N ARG A 92 -20.02 -3.82 -0.29
CA ARG A 92 -20.10 -4.51 0.98
C ARG A 92 -19.07 -3.99 1.96
N PHE A 93 -17.85 -3.71 1.50
CA PHE A 93 -16.73 -3.54 2.39
C PHE A 93 -16.26 -2.10 2.57
N ASN A 94 -16.94 -1.11 2.00
CA ASN A 94 -16.56 0.28 2.23
C ASN A 94 -17.81 1.17 2.30
N ARG A 95 -18.59 1.00 3.37
CA ARG A 95 -19.89 1.64 3.51
C ARG A 95 -19.90 2.89 4.40
N ARG A 96 -18.83 3.15 5.14
CA ARG A 96 -18.78 4.25 6.10
C ARG A 96 -18.15 5.51 5.49
N LEU A 97 -18.62 6.67 5.93
CA LEU A 97 -17.99 7.95 5.62
C LEU A 97 -17.91 8.21 4.11
N ILE A 98 -18.92 7.77 3.36
CA ILE A 98 -18.87 7.90 1.90
C ILE A 98 -18.82 9.34 1.42
N PRO A 99 -19.64 10.27 1.94
CA PRO A 99 -19.53 11.65 1.41
C PRO A 99 -18.13 12.22 1.56
N GLN A 100 -17.47 11.95 2.68
CA GLN A 100 -16.13 12.46 2.91
C GLN A 100 -15.13 11.80 1.96
N LYS A 101 -15.29 10.51 1.73
CA LYS A 101 -14.40 9.80 0.81
C LYS A 101 -14.58 10.29 -0.63
N LEU A 102 -15.82 10.50 -1.06
CA LEU A 102 -16.05 11.02 -2.41
C LEU A 102 -15.46 12.40 -2.58
N SER A 103 -15.51 13.24 -1.55
CA SER A 103 -14.90 14.57 -1.65
CA SER A 103 -14.90 14.57 -1.64
C SER A 103 -13.40 14.48 -1.84
N ARG A 104 -12.75 13.49 -1.21
CA ARG A 104 -11.31 13.30 -1.43
C ARG A 104 -11.02 12.95 -2.88
N ILE A 105 -11.84 12.09 -3.48
CA ILE A 105 -11.62 11.73 -4.88
C ILE A 105 -11.80 12.94 -5.77
N ARG A 106 -12.82 13.75 -5.49
CA ARG A 106 -13.02 14.97 -6.27
C ARG A 106 -11.79 15.86 -6.20
N ARG A 107 -11.17 15.96 -5.03
CA ARG A 107 -10.02 16.84 -4.85
C ARG A 107 -8.81 16.36 -5.62
N VAL A 108 -8.65 15.05 -5.83
CA VAL A 108 -7.45 14.50 -6.46
CA VAL A 108 -7.45 14.53 -6.49
C VAL A 108 -7.62 14.26 -7.97
N GLU A 109 -8.81 14.49 -8.52
CA GLU A 109 -9.05 14.14 -9.93
C GLU A 109 -8.10 14.86 -10.89
N THR A 110 -7.84 16.14 -10.66
CA THR A 110 -6.92 16.86 -11.54
C THR A 110 -5.53 16.23 -11.50
N PHE A 111 -5.04 15.93 -10.29
CA PHE A 111 -3.74 15.28 -10.20
C PHE A 111 -3.74 13.94 -10.94
N LEU A 112 -4.79 13.14 -10.76
CA LEU A 112 -4.83 11.83 -11.42
C LEU A 112 -4.77 11.97 -12.93
N SER A 113 -5.33 13.04 -13.48
CA SER A 113 -5.32 13.24 -14.92
C SER A 113 -3.93 13.48 -15.49
N THR A 114 -2.95 13.82 -14.64
CA THR A 114 -1.58 13.96 -15.11
C THR A 114 -0.87 12.63 -15.28
N LEU A 115 -1.48 11.52 -14.83
CA LEU A 115 -0.77 10.24 -14.77
C LEU A 115 -0.86 9.50 -16.11
N THR A 116 -0.11 10.02 -17.07
CA THR A 116 0.21 9.28 -18.28
C THR A 116 1.17 8.15 -17.94
N GLU A 117 1.39 7.26 -18.90
CA GLU A 117 2.31 6.15 -18.66
CA GLU A 117 2.31 6.15 -18.67
C GLU A 117 3.70 6.67 -18.30
N GLU A 118 4.17 7.70 -18.99
CA GLU A 118 5.52 8.18 -18.70
C GLU A 118 5.58 8.92 -17.36
N ARG A 119 4.51 9.66 -17.01
CA ARG A 119 4.50 10.30 -15.70
C ARG A 119 4.49 9.27 -14.58
N ILE A 120 3.78 8.16 -14.78
CA ILE A 120 3.80 7.04 -13.85
C ILE A 120 5.22 6.49 -13.73
N GLU A 121 5.91 6.32 -14.86
CA GLU A 121 7.30 5.86 -14.81
C GLU A 121 8.17 6.82 -14.01
N GLU A 122 8.00 8.12 -14.23
CA GLU A 122 8.80 9.10 -13.50
C GLU A 122 8.53 9.04 -12.01
N TYR A 123 7.26 8.96 -11.62
CA TYR A 123 6.94 8.88 -10.21
C TYR A 123 7.45 7.57 -9.60
N TYR A 124 7.42 6.46 -10.34
CA TYR A 124 7.92 5.22 -9.77
C TYR A 124 9.42 5.26 -9.55
N GLY A 125 10.14 6.02 -10.39
CA GLY A 125 11.55 6.25 -10.15
C GLY A 125 11.87 7.30 -9.10
N ASP A 126 10.86 8.03 -8.61
CA ASP A 126 11.04 9.09 -7.62
C ASP A 126 9.77 9.13 -6.75
N MET A 127 9.58 8.09 -5.94
CA MET A 127 8.34 7.98 -5.16
C MET A 127 8.25 9.02 -4.06
N SER A 128 9.39 9.60 -3.63
CA SER A 128 9.33 10.71 -2.69
C SER A 128 8.60 11.90 -3.30
N SER A 129 8.81 12.15 -4.60
CA SER A 129 8.08 13.23 -5.26
CA SER A 129 8.08 13.22 -5.26
CA SER A 129 8.08 13.23 -5.26
C SER A 129 6.59 12.91 -5.35
N LEU A 130 6.24 11.65 -5.64
CA LEU A 130 4.83 11.27 -5.67
C LEU A 130 4.18 11.50 -4.31
N TRP A 131 4.89 11.10 -3.24
CA TRP A 131 4.39 11.26 -1.88
C TRP A 131 3.96 12.70 -1.61
N GLY A 132 4.85 13.66 -1.87
CA GLY A 132 4.49 15.05 -1.66
C GLY A 132 3.42 15.55 -2.61
N SER A 133 3.42 15.07 -3.86
CA SER A 133 2.44 15.53 -4.84
C SER A 133 1.02 15.10 -4.46
N ILE A 134 0.84 13.87 -3.97
CA ILE A 134 -0.47 13.43 -3.54
C ILE A 134 -0.94 14.25 -2.35
N ALA A 135 -0.06 14.45 -1.37
CA ALA A 135 -0.43 15.23 -0.19
C ALA A 135 -0.84 16.65 -0.57
N ARG A 136 -0.08 17.29 -1.47
CA ARG A 136 -0.39 18.66 -1.86
C ARG A 136 -1.70 18.73 -2.64
N ALA A 137 -2.00 17.72 -3.47
CA ALA A 137 -3.26 17.72 -4.19
C ALA A 137 -4.45 17.64 -3.23
N LEU A 138 -4.30 16.88 -2.15
CA LEU A 138 -5.35 16.76 -1.14
C LEU A 138 -5.32 17.91 -0.14
N GLY A 139 -4.22 18.62 -0.02
CA GLY A 139 -4.07 19.64 1.01
C GLY A 139 -3.93 19.06 2.39
N VAL A 140 -3.22 17.93 2.53
CA VAL A 140 -3.14 17.21 3.79
C VAL A 140 -1.69 16.94 4.16
N ASP A 141 -1.50 16.50 5.41
CA ASP A 141 -0.19 16.10 5.90
C ASP A 141 0.24 14.81 5.21
N LYS A 142 1.43 14.83 4.61
CA LYS A 142 1.91 13.64 3.91
C LYS A 142 2.21 12.48 4.84
N GLU A 143 2.33 12.73 6.15
CA GLU A 143 2.55 11.66 7.13
C GLU A 143 1.32 10.78 7.35
N SER A 144 0.17 11.19 6.84
CA SER A 144 -1.07 10.49 7.14
C SER A 144 -1.10 9.09 6.53
N GLN A 145 -1.84 8.21 7.19
CA GLN A 145 -1.88 6.81 6.81
C GLN A 145 -2.30 6.63 5.35
N THR A 146 -3.36 7.33 4.92
CA THR A 146 -3.86 7.06 3.57
C THR A 146 -2.89 7.54 2.51
N VAL A 147 -2.17 8.63 2.76
CA VAL A 147 -1.23 9.13 1.77
C VAL A 147 -0.04 8.18 1.64
N VAL A 148 0.55 7.78 2.77
CA VAL A 148 1.66 6.84 2.74
CA VAL A 148 1.68 6.86 2.67
C VAL A 148 1.23 5.52 2.09
N PHE A 149 0.03 5.06 2.44
CA PHE A 149 -0.49 3.82 1.88
C PHE A 149 -0.69 3.94 0.37
N SER A 150 -1.14 5.11 -0.10
CA SER A 150 -1.33 5.29 -1.53
C SER A 150 -0.02 5.19 -2.29
N VAL A 151 1.10 5.62 -1.69
CA VAL A 151 2.39 5.43 -2.35
C VAL A 151 2.72 3.95 -2.42
N LYS A 152 2.50 3.20 -1.32
CA LYS A 152 2.74 1.76 -1.35
C LYS A 152 1.93 1.09 -2.45
N MET A 153 0.63 1.40 -2.51
CA MET A 153 -0.21 0.74 -3.51
C MET A 153 0.12 1.19 -4.92
N PHE A 154 0.49 2.46 -5.10
CA PHE A 154 1.05 2.89 -6.38
C PHE A 154 2.22 2.01 -6.79
N GLY A 155 3.11 1.69 -5.85
CA GLY A 155 4.26 0.87 -6.18
C GLY A 155 3.88 -0.55 -6.55
N TYR A 156 2.81 -1.09 -5.97
CA TYR A 156 2.27 -2.37 -6.45
C TYR A 156 1.81 -2.24 -7.89
N ALA A 157 0.98 -1.23 -8.16
CA ALA A 157 0.38 -1.09 -9.49
C ALA A 157 1.45 -0.78 -10.54
N ALA A 158 2.38 0.11 -10.20
CA ALA A 158 3.40 0.52 -11.16
C ALA A 158 4.32 -0.63 -11.53
N ARG A 159 4.69 -1.47 -10.56
CA ARG A 159 5.59 -2.57 -10.92
C ARG A 159 4.89 -3.56 -11.83
N ILE A 160 3.58 -3.72 -11.70
CA ILE A 160 2.82 -4.58 -12.60
C ILE A 160 2.84 -4.00 -14.02
N VAL A 161 2.47 -2.73 -14.16
CA VAL A 161 2.31 -2.22 -15.52
C VAL A 161 3.65 -1.90 -16.17
N LEU A 162 4.68 -1.59 -15.39
CA LEU A 162 5.99 -1.24 -15.93
C LEU A 162 6.95 -2.42 -15.99
N SER A 163 6.56 -3.56 -15.41
CA SER A 163 7.42 -4.75 -15.37
CA SER A 163 7.41 -4.76 -15.34
C SER A 163 8.83 -4.43 -14.90
N THR A 164 8.91 -3.65 -13.82
CA THR A 164 10.19 -3.31 -13.21
C THR A 164 9.91 -2.96 -11.76
N PHE A 165 10.95 -3.09 -10.93
CA PHE A 165 10.81 -2.89 -9.49
C PHE A 165 11.77 -1.81 -9.03
N ASN A 166 11.25 -0.87 -8.24
CA ASN A 166 12.07 0.11 -7.54
C ASN A 166 11.70 0.01 -6.06
N PRO A 167 12.67 -0.11 -5.16
CA PRO A 167 12.34 -0.14 -3.73
C PRO A 167 11.69 1.17 -3.28
N TYR A 168 10.81 1.06 -2.29
CA TYR A 168 10.26 2.27 -1.68
C TYR A 168 11.37 3.07 -1.02
N PRO A 169 11.27 4.40 -1.01
CA PRO A 169 12.29 5.23 -0.35
C PRO A 169 12.30 5.01 1.16
N MET A 170 13.50 5.04 1.74
CA MET A 170 13.63 4.89 3.18
CA MET A 170 13.64 4.90 3.19
C MET A 170 12.86 5.97 3.95
N GLU A 171 12.72 7.16 3.37
CA GLU A 171 12.12 8.28 4.11
C GLU A 171 10.62 8.19 4.27
N ILE A 172 9.93 7.33 3.52
CA ILE A 172 8.47 7.27 3.64
C ILE A 172 8.14 6.35 4.82
N PRO A 173 7.42 6.84 5.84
CA PRO A 173 7.20 6.05 7.05
C PRO A 173 6.09 5.02 6.87
N ILE A 174 5.92 4.21 7.90
CA ILE A 174 4.97 3.09 7.86
C ILE A 174 3.54 3.60 7.91
N PRO A 175 2.57 2.96 7.24
CA PRO A 175 1.18 3.44 7.33
C PRO A 175 0.59 3.06 8.68
N GLU A 176 0.14 4.05 9.44
CA GLU A 176 -0.34 3.81 10.80
C GLU A 176 -1.83 3.47 10.78
N ASP A 177 -2.11 2.25 10.30
CA ASP A 177 -3.46 1.73 10.36
C ASP A 177 -3.64 0.97 11.67
N SER A 178 -4.84 0.44 11.87
CA SER A 178 -5.14 -0.27 13.11
C SER A 178 -4.22 -1.48 13.32
N ARG A 179 -3.91 -2.24 12.26
CA ARG A 179 -3.08 -3.43 12.47
C ARG A 179 -1.70 -3.04 12.98
N ILE A 180 -1.08 -2.04 12.33
CA ILE A 180 0.26 -1.62 12.72
C ILE A 180 0.25 -0.99 14.11
N VAL A 181 -0.75 -0.16 14.40
CA VAL A 181 -0.81 0.50 15.71
C VAL A 181 -0.99 -0.52 16.81
N LYS A 182 -1.89 -1.49 16.62
CA LYS A 182 -2.11 -2.51 17.63
C LYS A 182 -0.87 -3.35 17.87
N LEU A 183 -0.18 -3.75 16.80
CA LEU A 183 1.04 -4.50 16.96
C LEU A 183 2.08 -3.69 17.73
N THR A 184 2.24 -2.43 17.34
CA THR A 184 3.26 -1.62 17.97
C THR A 184 3.03 -1.50 19.47
N LYS A 185 1.76 -1.36 19.89
CA LYS A 185 1.45 -1.28 21.32
C LYS A 185 1.82 -2.55 22.06
N LYS A 186 1.73 -3.72 21.41
CA LYS A 186 2.17 -4.95 22.05
C LYS A 186 3.68 -4.97 22.27
N LEU A 187 4.43 -4.24 21.44
CA LEU A 187 5.88 -4.32 21.41
C LEU A 187 6.57 -3.24 22.22
N THR A 188 5.97 -2.06 22.36
CA THR A 188 6.70 -0.90 22.84
C THR A 188 5.71 0.18 23.21
N ASN A 189 6.17 1.12 24.03
CA ASN A 189 5.44 2.37 24.28
C ASN A 189 5.91 3.50 23.39
N GLU A 190 6.91 3.26 22.55
CA GLU A 190 7.37 4.26 21.60
C GLU A 190 6.31 4.50 20.55
N LYS A 191 6.28 5.72 20.02
CA LYS A 191 5.36 6.04 18.94
C LYS A 191 5.69 5.21 17.71
N PRO A 192 4.68 4.71 16.98
CA PRO A 192 4.98 3.80 15.86
C PRO A 192 5.85 4.41 14.77
N ARG A 193 5.68 5.69 14.45
CA ARG A 193 6.47 6.27 13.36
C ARG A 193 7.96 6.17 13.67
N LYS A 194 8.35 6.61 14.87
CA LYS A 194 9.75 6.58 15.26
C LYS A 194 10.25 5.16 15.45
N PHE A 195 9.43 4.30 16.07
CA PHE A 195 9.84 2.91 16.31
C PHE A 195 10.16 2.21 15.00
N TRP A 196 9.26 2.29 14.02
CA TRP A 196 9.49 1.58 12.77
C TRP A 196 10.52 2.27 11.88
N MET A 197 10.65 3.59 11.96
CA MET A 197 11.71 4.24 11.17
CA MET A 197 11.71 4.28 11.22
C MET A 197 13.09 3.83 11.68
N LYS A 198 13.26 3.70 12.99
CA LYS A 198 14.54 3.24 13.52
C LYS A 198 14.85 1.82 13.06
N ILE A 199 13.85 0.94 13.11
CA ILE A 199 14.04 -0.44 12.67
C ILE A 199 14.35 -0.48 11.18
N ALA A 200 13.68 0.36 10.39
CA ALA A 200 13.94 0.42 8.95
C ALA A 200 15.39 0.83 8.67
N ARG A 201 15.85 1.88 9.34
CA ARG A 201 17.20 2.35 9.09
C ARG A 201 18.23 1.33 9.55
N GLU A 202 17.98 0.66 10.67
CA GLU A 202 18.93 -0.35 11.15
C GLU A 202 18.97 -1.56 10.22
N SER A 203 17.80 -2.04 9.78
CA SER A 203 17.70 -3.24 8.98
C SER A 203 18.04 -3.00 7.50
N GLY A 204 17.95 -1.75 7.04
CA GLY A 204 18.08 -1.48 5.63
C GLY A 204 16.84 -1.75 4.81
N VAL A 205 15.71 -1.99 5.46
CA VAL A 205 14.46 -2.30 4.78
C VAL A 205 13.52 -1.11 4.94
N PRO A 206 13.16 -0.40 3.85
CA PRO A 206 12.33 0.79 3.99
C PRO A 206 11.02 0.49 4.67
N PRO A 207 10.45 1.48 5.40
CA PRO A 207 9.21 1.23 6.16
C PRO A 207 8.06 0.66 5.35
N LEU A 208 7.87 1.08 4.09
CA LEU A 208 6.76 0.54 3.32
C LEU A 208 6.98 -0.93 2.98
N HIS A 209 8.24 -1.35 2.83
CA HIS A 209 8.52 -2.78 2.68
C HIS A 209 8.35 -3.52 4.00
N ILE A 210 8.73 -2.90 5.12
CA ILE A 210 8.41 -3.51 6.41
C ILE A 210 6.90 -3.71 6.54
N ASP A 211 6.11 -2.73 6.10
CA ASP A 211 4.67 -2.88 6.16
C ASP A 211 4.21 -4.11 5.38
N SER A 212 4.83 -4.39 4.24
CA SER A 212 4.45 -5.55 3.45
C SER A 212 4.80 -6.86 4.14
N ILE A 213 5.86 -6.86 4.96
CA ILE A 213 6.15 -8.05 5.76
C ILE A 213 5.09 -8.21 6.84
N LEU A 214 4.79 -7.12 7.56
CA LEU A 214 3.96 -7.19 8.76
C LEU A 214 2.49 -7.35 8.45
N TRP A 215 1.95 -6.50 7.57
CA TRP A 215 0.50 -6.37 7.47
C TRP A 215 -0.19 -7.65 7.02
N PRO A 216 0.26 -8.34 5.97
CA PRO A 216 -0.39 -9.61 5.62
C PRO A 216 -0.28 -10.65 6.71
N LEU A 217 0.88 -10.72 7.39
CA LEU A 217 1.06 -11.71 8.44
C LEU A 217 0.18 -11.41 9.64
N LEU A 218 -0.04 -10.13 9.96
CA LEU A 218 -0.94 -9.78 11.04
C LEU A 218 -2.37 -10.20 10.74
N GLY A 219 -2.74 -10.29 9.47
CA GLY A 219 -4.02 -10.80 9.07
C GLY A 219 -4.13 -12.31 8.97
N GLY A 220 -3.05 -13.02 9.26
CA GLY A 220 -3.07 -14.47 9.27
C GLY A 220 -2.58 -15.16 8.02
N ALA A 221 -1.95 -14.43 7.09
CA ALA A 221 -1.46 -15.06 5.87
C ALA A 221 -0.43 -16.14 6.20
N SER A 222 -0.45 -17.21 5.43
CA SER A 222 0.48 -18.32 5.62
C SER A 222 1.85 -17.96 5.06
N ILE A 223 2.90 -18.43 5.75
CA ILE A 223 4.28 -18.28 5.29
C ILE A 223 4.79 -19.54 4.62
N ASP A 224 3.96 -20.57 4.50
CA ASP A 224 4.47 -21.89 4.12
C ASP A 224 5.03 -21.92 2.71
N SER A 225 4.57 -21.04 1.82
CA SER A 225 5.04 -21.04 0.45
C SER A 225 6.41 -20.39 0.28
N ALA A 226 6.91 -19.72 1.30
CA ALA A 226 8.24 -19.14 1.19
C ALA A 226 9.27 -20.27 1.12
N PRO A 227 10.35 -20.08 0.36
CA PRO A 227 11.43 -21.10 0.35
C PRO A 227 12.02 -21.27 1.73
N PRO A 228 12.68 -22.41 2.01
CA PRO A 228 13.05 -22.75 3.40
C PRO A 228 13.79 -21.70 4.20
N GLU A 229 14.77 -21.00 3.61
CA GLU A 229 15.51 -20.02 4.39
C GLU A 229 14.66 -18.82 4.75
N LEU A 230 13.94 -18.26 3.78
CA LEU A 230 13.05 -17.15 4.07
C LEU A 230 11.95 -17.58 5.04
N ARG A 231 11.42 -18.80 4.85
CA ARG A 231 10.38 -19.30 5.73
C ARG A 231 10.82 -19.31 7.18
N ASP A 232 12.07 -19.71 7.42
CA ASP A 232 12.60 -19.74 8.78
C ASP A 232 12.65 -18.34 9.39
N LYS A 233 13.06 -17.34 8.60
CA LYS A 233 13.11 -15.98 9.11
C LYS A 233 11.71 -15.44 9.38
N LEU A 234 10.75 -15.76 8.51
CA LEU A 234 9.38 -15.34 8.74
C LEU A 234 8.78 -16.02 9.96
N ALA A 235 9.10 -17.30 10.18
CA ALA A 235 8.63 -17.96 11.40
C ALA A 235 9.17 -17.27 12.63
N GLU A 236 10.44 -16.88 12.60
CA GLU A 236 11.01 -16.16 13.74
C GLU A 236 10.28 -14.84 13.96
N LEU A 237 9.96 -14.13 12.89
CA LEU A 237 9.26 -12.86 13.03
C LEU A 237 7.84 -13.06 13.57
N ILE A 238 7.15 -14.11 13.13
CA ILE A 238 5.80 -14.37 13.60
C ILE A 238 5.76 -14.61 15.10
N LYS A 239 6.82 -15.17 15.67
CA LYS A 239 6.86 -15.35 17.12
C LYS A 239 6.86 -14.00 17.84
N ILE A 240 7.36 -12.95 17.19
CA ILE A 240 7.41 -11.63 17.79
C ILE A 240 6.12 -10.87 17.56
N ILE A 241 5.48 -11.04 16.40
CA ILE A 241 4.39 -10.16 16.01
C ILE A 241 3.01 -10.79 16.17
N ARG A 242 2.92 -12.09 16.36
CA ARG A 242 1.65 -12.77 16.62
C ARG A 242 1.70 -13.38 18.01
#